data_9MWY
#
_entry.id   9MWY
#
_cell.length_a   78.201
_cell.length_b   78.201
_cell.length_c   318.618
_cell.angle_alpha   90.00
_cell.angle_beta   90.00
_cell.angle_gamma   90.00
#
_symmetry.space_group_name_H-M   'P 41 21 2'
#
loop_
_entity.id
_entity.type
_entity.pdbx_description
1 polymer 'Friend leukemia integration 1 transcription factor'
2 polymer '25-mer DNA containing four contiguous GGAA sites, bottom strand'
3 polymer '25-mer DNA containing four contiguous GGAA sites, top strand'
4 non-polymer 'SODIUM ION'
#
loop_
_entity_poly.entity_id
_entity_poly.type
_entity_poly.pdbx_seq_one_letter_code
_entity_poly.pdbx_strand_id
1 'polypeptide(L)'
;GPHMQPDPYQILGPTSSRLANPGSGQIQLWQFLLELLSDSANASCITWEGTNGEFKMTDPDEVARRWGERKSKPNMNYDK
LSRALRYYYDKNIMTKVHGKRYAYKFDAHGIAQALQPHPTESSMYKYPSDISYMPSYHAHQQKVN
;
A,D,C,L
2 'polydeoxyribonucleotide'
;(DG)(DA)(DC)(DC)(DG)(DG)(DA)(DA)(DG)(DG)(DA)(DA)(DG)(DG)(DA)(DA)(DG)(DG)(DA)(DA)
(DG)(DT)(DG)(DC)(DG)
;
G
3 'polydeoxyribonucleotide'
;(DC)(DG)(DC)(DA)(DC)(DT)(DT)(DC)(DC)(DT)(DT)(DC)(DC)(DT)(DT)(DC)(DC)(DT)(DT)(DC)
(DC)(DG)(DG)(DT)(DC)
;
H
#
# COMPACT_ATOMS: atom_id res chain seq x y z
N PRO A 22 -3.12 -22.80 -20.34
CA PRO A 22 -1.77 -23.32 -20.71
C PRO A 22 -0.73 -22.19 -20.58
N GLY A 23 0.54 -22.55 -20.35
CA GLY A 23 1.67 -21.63 -20.24
C GLY A 23 2.50 -21.59 -21.52
N SER A 24 1.84 -21.34 -22.66
CA SER A 24 2.54 -21.19 -23.96
C SER A 24 2.50 -19.73 -24.40
N GLY A 25 1.42 -19.00 -24.10
CA GLY A 25 1.21 -17.62 -24.54
C GLY A 25 2.31 -16.68 -24.10
N GLN A 26 2.31 -16.29 -22.82
CA GLN A 26 3.29 -15.32 -22.29
C GLN A 26 3.99 -16.05 -21.13
N ILE A 27 5.22 -15.64 -20.82
CA ILE A 27 5.96 -16.15 -19.64
C ILE A 27 5.39 -15.50 -18.39
N GLN A 28 4.91 -16.32 -17.45
CA GLN A 28 4.39 -15.80 -16.16
C GLN A 28 5.57 -15.55 -15.22
N LEU A 29 5.42 -14.62 -14.28
CA LEU A 29 6.55 -14.19 -13.40
C LEU A 29 7.06 -15.39 -12.59
N TRP A 30 6.17 -16.18 -11.99
CA TRP A 30 6.52 -17.40 -11.21
C TRP A 30 7.37 -18.34 -12.08
N GLN A 31 7.04 -18.46 -13.37
CA GLN A 31 7.78 -19.27 -14.37
C GLN A 31 9.13 -18.61 -14.67
N PHE A 32 9.17 -17.27 -14.66
CA PHE A 32 10.38 -16.45 -14.95
C PHE A 32 11.46 -16.70 -13.89
N LEU A 33 11.07 -16.75 -12.62
CA LEU A 33 12.00 -16.93 -11.46
C LEU A 33 12.54 -18.37 -11.44
N LEU A 34 11.67 -19.35 -11.66
CA LEU A 34 11.98 -20.80 -11.58
C LEU A 34 12.93 -21.22 -12.72
N GLU A 35 12.99 -20.44 -13.80
CA GLU A 35 13.85 -20.70 -14.99
C GLU A 35 15.33 -20.51 -14.62
N LEU A 36 15.63 -19.64 -13.65
CA LEU A 36 17.01 -19.28 -13.24
C LEU A 36 17.52 -20.26 -12.17
N LEU A 37 16.77 -20.41 -11.08
CA LEU A 37 17.20 -21.29 -9.94
C LEU A 37 17.13 -22.77 -10.36
N SER A 38 16.49 -23.07 -11.49
CA SER A 38 16.38 -24.46 -12.01
C SER A 38 17.74 -25.14 -11.97
N ASP A 39 18.78 -24.39 -12.36
CA ASP A 39 20.16 -24.89 -12.41
C ASP A 39 20.93 -23.79 -11.67
N SER A 40 22.22 -23.67 -11.94
CA SER A 40 23.11 -22.76 -11.18
C SER A 40 23.67 -21.72 -12.14
N ALA A 41 24.77 -21.06 -11.76
CA ALA A 41 25.29 -19.93 -12.55
C ALA A 41 24.37 -18.74 -12.31
N ASN A 42 23.10 -18.99 -11.96
CA ASN A 42 22.17 -17.90 -11.58
C ASN A 42 22.06 -17.84 -10.05
N ALA A 43 22.83 -18.67 -9.34
CA ALA A 43 22.82 -18.80 -7.86
C ALA A 43 23.35 -17.51 -7.20
N SER A 44 24.17 -16.74 -7.93
CA SER A 44 24.83 -15.50 -7.46
C SER A 44 23.79 -14.46 -7.01
N CYS A 45 22.65 -14.36 -7.71
CA CYS A 45 21.58 -13.36 -7.48
C CYS A 45 20.37 -13.98 -6.76
N ILE A 46 20.06 -15.25 -7.01
CA ILE A 46 18.90 -15.97 -6.41
C ILE A 46 19.13 -17.48 -6.47
N THR A 47 18.72 -18.21 -5.42
CA THR A 47 18.80 -19.69 -5.31
C THR A 47 17.87 -20.19 -4.20
N TRP A 48 17.77 -21.51 -4.04
CA TRP A 48 16.92 -22.18 -3.03
C TRP A 48 17.53 -21.99 -1.63
N GLU A 49 16.70 -22.23 -0.61
CA GLU A 49 17.18 -22.26 0.80
C GLU A 49 16.57 -23.48 1.50
N GLY A 50 15.45 -24.01 0.99
CA GLY A 50 14.73 -25.12 1.64
C GLY A 50 14.22 -26.17 0.68
N THR A 51 13.96 -27.39 1.18
CA THR A 51 13.31 -28.49 0.38
C THR A 51 11.88 -28.06 0.03
N ASN A 52 11.16 -27.43 0.96
CA ASN A 52 9.81 -26.84 0.71
C ASN A 52 10.00 -25.75 -0.34
N GLY A 53 11.15 -25.07 -0.29
CA GLY A 53 11.57 -24.05 -1.27
C GLY A 53 12.15 -22.84 -0.60
N GLU A 54 11.32 -21.96 -0.06
CA GLU A 54 11.85 -20.85 0.78
C GLU A 54 12.97 -20.13 0.04
N PHE A 55 12.84 -19.90 -1.27
CA PHE A 55 13.95 -19.30 -2.07
C PHE A 55 14.30 -17.93 -1.51
N LYS A 56 15.56 -17.52 -1.70
CA LYS A 56 16.03 -16.20 -1.19
C LYS A 56 16.79 -15.47 -2.31
N MET A 57 16.51 -14.18 -2.49
CA MET A 57 17.16 -13.30 -3.50
C MET A 57 18.41 -12.66 -2.88
N THR A 58 19.59 -13.16 -3.24
CA THR A 58 20.90 -12.71 -2.71
C THR A 58 21.28 -11.35 -3.33
N ASP A 59 20.72 -11.03 -4.50
CA ASP A 59 20.90 -9.71 -5.18
C ASP A 59 19.60 -9.35 -5.91
N PRO A 60 18.60 -8.79 -5.19
CA PRO A 60 17.34 -8.38 -5.81
C PRO A 60 17.50 -7.34 -6.95
N ASP A 61 18.48 -6.44 -6.81
CA ASP A 61 18.80 -5.38 -7.81
C ASP A 61 19.14 -6.03 -9.15
N GLU A 62 19.80 -7.19 -9.14
CA GLU A 62 20.15 -7.99 -10.34
C GLU A 62 18.88 -8.65 -10.89
N VAL A 63 18.13 -9.35 -10.02
CA VAL A 63 16.89 -10.11 -10.37
C VAL A 63 15.90 -9.17 -11.08
N ALA A 64 15.72 -7.97 -10.54
CA ALA A 64 14.83 -6.91 -11.07
C ALA A 64 15.22 -6.57 -12.52
N ARG A 65 16.51 -6.34 -12.77
CA ARG A 65 17.07 -5.97 -14.10
C ARG A 65 16.86 -7.13 -15.08
N ARG A 66 17.09 -8.37 -14.63
CA ARG A 66 16.97 -9.61 -15.45
C ARG A 66 15.52 -9.79 -15.93
N TRP A 67 14.55 -9.67 -15.01
CA TRP A 67 13.10 -9.74 -15.30
C TRP A 67 12.67 -8.52 -16.13
N GLY A 68 13.33 -7.38 -15.91
CA GLY A 68 13.09 -6.12 -16.63
C GLY A 68 13.67 -6.12 -18.04
N GLU A 69 14.61 -7.03 -18.33
CA GLU A 69 15.19 -7.24 -19.69
C GLU A 69 14.64 -8.53 -20.30
N ARG A 70 14.23 -9.49 -19.47
CA ARG A 70 13.60 -10.78 -19.89
C ARG A 70 12.27 -10.49 -20.60
N LYS A 71 11.53 -9.48 -20.14
CA LYS A 71 10.23 -9.03 -20.71
C LYS A 71 10.42 -7.74 -21.52
N SER A 72 11.66 -7.24 -21.60
CA SER A 72 12.04 -5.96 -22.25
C SER A 72 11.24 -4.81 -21.63
N LYS A 73 11.35 -4.67 -20.30
CA LYS A 73 10.65 -3.63 -19.49
C LYS A 73 11.68 -2.89 -18.62
N PRO A 74 12.48 -1.97 -19.21
CA PRO A 74 13.41 -1.14 -18.43
C PRO A 74 12.68 -0.30 -17.37
N ASN A 75 13.43 0.24 -16.40
CA ASN A 75 12.90 0.99 -15.23
C ASN A 75 12.10 0.02 -14.34
N MET A 76 12.67 -1.16 -14.08
CA MET A 76 12.07 -2.23 -13.22
C MET A 76 12.95 -2.42 -11.98
N ASN A 77 12.34 -2.33 -10.79
CA ASN A 77 13.01 -2.50 -9.47
C ASN A 77 12.34 -3.65 -8.72
N TYR A 78 12.79 -3.92 -7.49
CA TYR A 78 12.24 -4.98 -6.60
C TYR A 78 10.82 -4.62 -6.16
N ASP A 79 10.59 -3.35 -5.81
CA ASP A 79 9.28 -2.81 -5.34
C ASP A 79 8.18 -3.24 -6.32
N LYS A 80 8.36 -2.92 -7.60
CA LYS A 80 7.41 -3.24 -8.71
C LYS A 80 7.29 -4.77 -8.87
N LEU A 81 8.41 -5.48 -8.73
CA LEU A 81 8.49 -6.96 -8.84
C LEU A 81 7.74 -7.60 -7.67
N SER A 82 8.08 -7.21 -6.44
CA SER A 82 7.51 -7.74 -5.17
C SER A 82 6.00 -7.53 -5.14
N ARG A 83 5.51 -6.40 -5.65
CA ARG A 83 4.06 -6.05 -5.69
C ARG A 83 3.31 -7.12 -6.48
N ALA A 84 3.88 -7.58 -7.60
CA ALA A 84 3.33 -8.65 -8.46
C ALA A 84 3.32 -9.98 -7.69
N LEU A 85 4.36 -10.22 -6.88
CA LEU A 85 4.51 -11.45 -6.05
C LEU A 85 3.58 -11.37 -4.83
N ARG A 86 3.14 -10.17 -4.46
CA ARG A 86 2.21 -9.94 -3.32
C ARG A 86 0.77 -10.19 -3.77
N TYR A 87 0.48 -9.99 -5.07
CA TYR A 87 -0.82 -10.34 -5.70
C TYR A 87 -0.98 -11.87 -5.72
N TYR A 88 0.14 -12.61 -5.68
CA TYR A 88 0.21 -14.09 -5.70
C TYR A 88 -0.27 -14.69 -4.37
N TYR A 89 -0.42 -13.87 -3.32
CA TYR A 89 -0.94 -14.29 -1.99
C TYR A 89 -2.42 -14.69 -2.12
N ASP A 90 -3.23 -13.79 -2.69
CA ASP A 90 -4.72 -13.93 -2.82
C ASP A 90 -5.05 -15.18 -3.65
N LYS A 91 -4.28 -15.44 -4.72
CA LYS A 91 -4.50 -16.57 -5.66
C LYS A 91 -3.97 -17.88 -5.06
N ASN A 92 -3.13 -17.80 -4.03
CA ASN A 92 -2.49 -18.97 -3.34
C ASN A 92 -1.51 -19.64 -4.31
N ILE A 93 -0.67 -18.85 -4.97
CA ILE A 93 0.42 -19.31 -5.89
C ILE A 93 1.68 -19.58 -5.07
N MET A 94 2.01 -18.66 -4.16
CA MET A 94 3.16 -18.80 -3.20
C MET A 94 2.81 -18.09 -1.89
N THR A 95 3.65 -18.29 -0.87
CA THR A 95 3.50 -17.73 0.51
C THR A 95 4.82 -17.11 0.95
N LYS A 96 4.75 -16.02 1.72
CA LYS A 96 5.93 -15.26 2.23
C LYS A 96 6.30 -15.79 3.62
N VAL A 97 7.60 -15.96 3.88
CA VAL A 97 8.16 -16.41 5.20
C VAL A 97 8.19 -15.20 6.14
N HIS A 98 7.17 -15.06 6.99
CA HIS A 98 6.92 -13.89 7.88
C HIS A 98 8.22 -13.42 8.53
N GLY A 99 8.73 -12.26 8.11
CA GLY A 99 9.89 -11.58 8.74
C GLY A 99 11.15 -11.70 7.90
N LYS A 100 11.51 -12.92 7.51
CA LYS A 100 12.77 -13.26 6.78
C LYS A 100 12.90 -12.38 5.53
N ARG A 101 14.09 -11.85 5.28
CA ARG A 101 14.37 -10.82 4.23
C ARG A 101 14.48 -11.50 2.86
N TYR A 102 13.59 -11.14 1.93
CA TYR A 102 13.52 -11.63 0.53
C TYR A 102 13.17 -13.12 0.50
N ALA A 103 12.44 -13.60 1.52
CA ALA A 103 12.11 -15.02 1.73
C ALA A 103 10.66 -15.30 1.31
N TYR A 104 10.48 -16.10 0.25
CA TYR A 104 9.17 -16.59 -0.24
C TYR A 104 9.25 -18.11 -0.45
N LYS A 105 8.13 -18.82 -0.22
CA LYS A 105 7.99 -20.28 -0.43
C LYS A 105 6.88 -20.53 -1.46
N PHE A 106 7.17 -21.34 -2.49
CA PHE A 106 6.21 -21.72 -3.55
C PHE A 106 5.15 -22.68 -2.99
N ASP A 107 3.88 -22.46 -3.34
CA ASP A 107 2.72 -23.28 -2.91
C ASP A 107 2.36 -24.23 -4.06
N ALA A 108 2.45 -25.55 -3.81
CA ALA A 108 2.19 -26.62 -4.79
C ALA A 108 0.72 -26.60 -5.22
N HIS A 109 -0.20 -26.27 -4.31
CA HIS A 109 -1.67 -26.23 -4.52
C HIS A 109 -2.01 -25.40 -5.77
N GLY A 110 -1.57 -24.15 -5.83
CA GLY A 110 -1.90 -23.19 -6.89
C GLY A 110 -1.29 -23.59 -8.23
N ILE A 111 -0.01 -23.96 -8.25
CA ILE A 111 0.77 -24.27 -9.48
C ILE A 111 0.26 -25.56 -10.11
N ALA A 112 -0.22 -26.50 -9.30
CA ALA A 112 -0.81 -27.80 -9.73
C ALA A 112 -2.07 -27.54 -10.55
N GLN A 113 -2.92 -26.63 -10.06
CA GLN A 113 -4.20 -26.27 -10.72
C GLN A 113 -3.89 -25.64 -12.09
N ALA A 114 -2.74 -24.98 -12.20
CA ALA A 114 -2.37 -24.29 -13.45
C ALA A 114 -1.53 -25.24 -14.30
N LEU A 115 -0.24 -24.95 -14.49
CA LEU A 115 0.68 -25.77 -15.35
C LEU A 115 0.06 -25.90 -16.75
N GLN A 116 -0.05 -27.12 -17.30
CA GLN A 116 -0.63 -27.34 -18.65
C GLN A 116 -2.13 -26.99 -18.67
N PRO A 117 -2.98 -27.37 -17.68
CA PRO A 117 -4.36 -26.88 -17.62
C PRO A 117 -4.48 -25.58 -16.83
N SER B 17 6.72 17.51 -15.39
CA SER B 17 7.36 18.79 -14.94
C SER B 17 6.35 19.93 -15.10
N ARG B 18 6.81 21.10 -15.56
CA ARG B 18 5.95 22.22 -16.02
C ARG B 18 5.41 21.89 -17.42
N LEU B 19 5.90 20.79 -18.02
CA LEU B 19 5.39 20.23 -19.31
C LEU B 19 4.64 18.91 -19.05
N ALA B 20 4.08 18.75 -17.85
CA ALA B 20 3.10 17.69 -17.51
C ALA B 20 1.68 18.27 -17.63
N ASN B 21 1.39 18.86 -18.80
CA ASN B 21 0.16 19.65 -19.07
C ASN B 21 -0.90 18.72 -19.67
N GLN B 26 -2.94 10.55 -12.81
CA GLN B 26 -3.08 11.43 -11.61
C GLN B 26 -1.80 12.25 -11.44
N ILE B 27 -1.79 13.16 -10.47
CA ILE B 27 -0.60 14.03 -10.21
C ILE B 27 0.43 13.19 -9.46
N GLN B 28 1.66 13.15 -9.96
CA GLN B 28 2.75 12.44 -9.26
C GLN B 28 3.33 13.38 -8.20
N LEU B 29 3.93 12.83 -7.15
CA LEU B 29 4.39 13.67 -6.01
C LEU B 29 5.50 14.61 -6.49
N TRP B 30 6.49 14.09 -7.21
CA TRP B 30 7.67 14.87 -7.69
C TRP B 30 7.20 16.11 -8.48
N GLN B 31 6.08 15.99 -9.22
CA GLN B 31 5.44 17.11 -9.96
C GLN B 31 4.85 18.10 -8.97
N PHE B 32 4.06 17.60 -8.02
CA PHE B 32 3.35 18.38 -6.97
C PHE B 32 4.31 19.38 -6.31
N LEU B 33 5.56 18.97 -6.09
CA LEU B 33 6.62 19.80 -5.46
C LEU B 33 7.04 20.93 -6.42
N LEU B 34 7.39 20.57 -7.66
CA LEU B 34 7.82 21.51 -8.73
C LEU B 34 6.72 22.55 -8.96
N GLU B 35 5.45 22.13 -8.86
CA GLU B 35 4.25 23.00 -8.97
C GLU B 35 4.33 24.12 -7.92
N LEU B 36 4.72 23.78 -6.69
CA LEU B 36 4.84 24.73 -5.55
C LEU B 36 6.11 25.58 -5.71
N LEU B 37 7.24 24.93 -5.99
CA LEU B 37 8.58 25.58 -6.10
C LEU B 37 8.55 26.69 -7.15
N SER B 38 7.85 26.48 -8.27
CA SER B 38 7.73 27.43 -9.41
C SER B 38 7.16 28.77 -8.94
N ASP B 39 6.05 28.74 -8.20
CA ASP B 39 5.39 29.93 -7.60
C ASP B 39 5.91 30.11 -6.17
N SER B 40 6.89 31.00 -5.98
CA SER B 40 7.60 31.25 -4.70
C SER B 40 6.72 32.06 -3.73
N ALA B 41 5.42 32.19 -4.04
CA ALA B 41 4.36 32.64 -3.09
C ALA B 41 4.12 31.55 -2.04
N ASN B 42 4.49 30.31 -2.37
CA ASN B 42 4.40 29.11 -1.48
C ASN B 42 5.76 28.89 -0.79
N ALA B 43 6.53 29.96 -0.58
CA ALA B 43 7.89 29.92 0.03
C ALA B 43 7.80 29.65 1.53
N SER B 44 6.62 29.85 2.12
CA SER B 44 6.36 29.74 3.58
C SER B 44 6.49 28.27 4.05
N CYS B 45 6.25 27.29 3.17
CA CYS B 45 6.29 25.85 3.49
C CYS B 45 7.46 25.13 2.79
N ILE B 46 7.94 25.65 1.65
CA ILE B 46 9.05 25.04 0.86
C ILE B 46 9.59 26.06 -0.16
N THR B 47 10.90 26.05 -0.39
CA THR B 47 11.59 26.87 -1.43
C THR B 47 12.97 26.24 -1.74
N TRP B 48 13.75 26.91 -2.59
CA TRP B 48 15.08 26.42 -3.08
C TRP B 48 16.18 26.83 -2.08
N GLU B 49 17.27 26.05 -2.06
CA GLU B 49 18.54 26.37 -1.34
C GLU B 49 19.71 26.06 -2.29
N GLY B 50 19.96 26.95 -3.25
CA GLY B 50 20.87 26.73 -4.38
C GLY B 50 20.12 26.23 -5.60
N THR B 51 20.23 26.91 -6.74
CA THR B 51 19.42 26.69 -7.97
C THR B 51 19.76 25.34 -8.61
N ASN B 52 20.90 24.72 -8.25
CA ASN B 52 21.39 23.44 -8.83
C ASN B 52 20.58 22.26 -8.26
N GLY B 53 19.26 22.26 -8.46
CA GLY B 53 18.34 21.17 -8.07
C GLY B 53 18.07 21.12 -6.57
N GLU B 54 18.85 21.83 -5.76
CA GLU B 54 18.85 21.74 -4.27
C GLU B 54 17.70 22.57 -3.70
N PHE B 55 16.69 21.89 -3.13
CA PHE B 55 15.54 22.51 -2.42
C PHE B 55 15.48 21.99 -0.98
N LYS B 56 14.69 22.65 -0.13
CA LYS B 56 14.62 22.40 1.33
C LYS B 56 13.19 22.68 1.82
N MET B 57 12.65 21.79 2.66
CA MET B 57 11.28 21.93 3.25
C MET B 57 11.37 22.82 4.50
N THR B 58 10.66 23.95 4.50
CA THR B 58 10.64 24.95 5.60
C THR B 58 9.56 24.58 6.62
N ASP B 59 8.43 24.05 6.13
CA ASP B 59 7.31 23.51 6.96
C ASP B 59 6.90 22.15 6.38
N PRO B 60 7.64 21.06 6.69
CA PRO B 60 7.28 19.73 6.22
C PRO B 60 5.87 19.30 6.60
N ASP B 61 5.39 19.73 7.78
CA ASP B 61 4.03 19.45 8.30
C ASP B 61 2.98 20.03 7.34
N GLU B 62 3.23 21.25 6.83
CA GLU B 62 2.33 21.97 5.89
C GLU B 62 2.37 21.29 4.51
N VAL B 63 3.57 20.94 4.04
CA VAL B 63 3.81 20.27 2.72
C VAL B 63 2.94 19.01 2.65
N ALA B 64 3.02 18.16 3.69
CA ALA B 64 2.30 16.87 3.80
C ALA B 64 0.78 17.13 3.74
N ARG B 65 0.30 18.12 4.49
CA ARG B 65 -1.14 18.48 4.60
C ARG B 65 -1.72 18.74 3.20
N ARG B 66 -1.05 19.59 2.42
CA ARG B 66 -1.47 19.98 1.05
C ARG B 66 -1.55 18.74 0.16
N TRP B 67 -0.48 17.94 0.14
CA TRP B 67 -0.38 16.65 -0.60
C TRP B 67 -1.48 15.69 -0.14
N GLY B 68 -1.86 15.77 1.14
CA GLY B 68 -3.01 15.04 1.72
C GLY B 68 -4.32 15.57 1.17
N GLU B 69 -4.55 16.88 1.27
CA GLU B 69 -5.77 17.59 0.78
C GLU B 69 -5.96 17.29 -0.72
N ARG B 70 -4.88 17.30 -1.49
CA ARG B 70 -4.85 17.00 -2.95
C ARG B 70 -5.47 15.62 -3.20
N LYS B 71 -4.90 14.59 -2.57
CA LYS B 71 -5.18 13.16 -2.88
C LYS B 71 -6.38 12.64 -2.08
N SER B 72 -7.11 13.55 -1.41
CA SER B 72 -8.26 13.22 -0.49
C SER B 72 -7.76 12.30 0.63
N LYS B 73 -6.54 12.55 1.10
CA LYS B 73 -5.79 11.69 2.07
C LYS B 73 -5.35 12.56 3.24
N PRO B 74 -6.30 13.08 4.07
CA PRO B 74 -5.97 14.07 5.09
C PRO B 74 -5.10 13.55 6.25
N ASN B 75 -4.92 12.23 6.36
CA ASN B 75 -4.05 11.58 7.37
C ASN B 75 -2.59 11.64 6.92
N MET B 76 -2.34 12.00 5.65
CA MET B 76 -0.98 12.11 5.04
C MET B 76 -0.10 13.04 5.88
N ASN B 77 1.03 12.53 6.37
CA ASN B 77 2.06 13.28 7.15
C ASN B 77 3.42 13.09 6.48
N TYR B 78 4.42 13.85 6.90
CA TYR B 78 5.83 13.76 6.40
C TYR B 78 6.33 12.32 6.56
N ASP B 79 6.01 11.70 7.69
CA ASP B 79 6.40 10.30 8.04
C ASP B 79 6.05 9.36 6.89
N LYS B 80 4.83 9.48 6.34
CA LYS B 80 4.31 8.65 5.23
C LYS B 80 4.76 9.23 3.89
N LEU B 81 4.83 10.57 3.79
CA LEU B 81 5.29 11.30 2.57
C LEU B 81 6.75 10.95 2.30
N SER B 82 7.62 11.15 3.29
CA SER B 82 9.08 10.88 3.24
C SER B 82 9.35 9.55 2.50
N ARG B 83 8.68 8.48 2.93
CA ARG B 83 8.79 7.11 2.33
C ARG B 83 8.72 7.23 0.80
N ALA B 84 7.65 7.84 0.30
CA ALA B 84 7.33 7.99 -1.14
C ALA B 84 8.49 8.67 -1.87
N LEU B 85 9.11 9.69 -1.25
CA LEU B 85 10.25 10.44 -1.81
C LEU B 85 11.43 9.48 -2.00
N ARG B 86 11.72 8.67 -0.97
CA ARG B 86 12.94 7.82 -0.89
C ARG B 86 12.77 6.56 -1.75
N TYR B 87 11.65 6.43 -2.47
CA TYR B 87 11.42 5.41 -3.54
C TYR B 87 11.99 5.94 -4.87
N TYR B 88 12.22 7.25 -4.98
CA TYR B 88 12.78 7.92 -6.18
C TYR B 88 14.31 7.86 -6.19
N TYR B 89 14.90 6.94 -5.42
CA TYR B 89 16.37 6.77 -5.27
C TYR B 89 16.87 5.71 -6.27
N ASP B 90 16.19 4.56 -6.33
CA ASP B 90 16.50 3.45 -7.26
C ASP B 90 16.11 3.89 -8.68
N LYS B 91 14.84 4.22 -8.88
CA LYS B 91 14.36 4.97 -10.08
C LYS B 91 14.74 6.43 -9.90
N ASN B 92 15.82 6.87 -10.56
CA ASN B 92 16.51 8.16 -10.30
C ASN B 92 15.61 9.32 -10.76
N ILE B 93 14.89 9.93 -9.81
CA ILE B 93 14.17 11.23 -10.00
C ILE B 93 14.87 12.28 -9.13
N MET B 94 15.07 11.99 -7.84
CA MET B 94 15.71 12.91 -6.87
C MET B 94 16.70 12.15 -5.98
N THR B 95 17.45 12.89 -5.17
CA THR B 95 18.61 12.42 -4.35
C THR B 95 18.54 13.06 -2.96
N LYS B 96 19.22 12.45 -1.97
CA LYS B 96 19.40 13.02 -0.60
C LYS B 96 20.67 13.86 -0.58
N VAL B 97 20.57 15.13 -0.18
CA VAL B 97 21.74 16.01 0.10
C VAL B 97 22.28 15.63 1.49
N HIS B 98 23.44 14.95 1.51
CA HIS B 98 24.06 14.32 2.71
C HIS B 98 23.92 15.26 3.92
N GLY B 99 23.37 14.74 5.03
CA GLY B 99 23.25 15.47 6.32
C GLY B 99 22.12 16.48 6.31
N LYS B 100 22.31 17.59 5.57
CA LYS B 100 21.35 18.73 5.47
C LYS B 100 19.91 18.22 5.66
N ARG B 101 19.26 18.63 6.76
CA ARG B 101 17.95 18.09 7.22
C ARG B 101 16.83 18.64 6.32
N TYR B 102 16.05 17.74 5.70
CA TYR B 102 14.91 18.01 4.79
C TYR B 102 15.41 18.39 3.38
N ALA B 103 16.70 18.18 3.11
CA ALA B 103 17.37 18.58 1.84
C ALA B 103 17.35 17.40 0.86
N TYR B 104 16.76 17.62 -0.32
CA TYR B 104 16.72 16.65 -1.46
C TYR B 104 17.07 17.40 -2.75
N LYS B 105 17.75 16.72 -3.69
CA LYS B 105 18.19 17.28 -4.99
C LYS B 105 17.59 16.45 -6.13
N PHE B 106 17.12 17.11 -7.20
CA PHE B 106 16.53 16.49 -8.41
C PHE B 106 17.63 16.00 -9.35
N ASP B 107 17.51 14.76 -9.83
CA ASP B 107 18.41 14.17 -10.87
C ASP B 107 17.79 14.44 -12.24
N ALA B 108 18.15 15.58 -12.84
CA ALA B 108 17.64 16.06 -14.15
C ALA B 108 17.88 15.00 -15.23
N HIS B 109 19.09 14.41 -15.24
CA HIS B 109 19.50 13.32 -16.17
C HIS B 109 18.59 12.10 -15.97
N GLY B 110 18.18 11.84 -14.74
CA GLY B 110 17.31 10.71 -14.36
C GLY B 110 15.89 10.88 -14.89
N ILE B 111 15.30 12.07 -14.73
CA ILE B 111 13.90 12.37 -15.16
C ILE B 111 13.84 12.42 -16.69
N ALA B 112 14.91 12.90 -17.34
CA ALA B 112 15.06 12.94 -18.81
C ALA B 112 14.94 11.51 -19.38
N GLN B 113 15.59 10.54 -18.74
CA GLN B 113 15.52 9.10 -19.08
C GLN B 113 14.09 8.60 -18.91
N ALA B 114 13.46 8.93 -17.78
CA ALA B 114 12.08 8.52 -17.43
C ALA B 114 11.09 9.11 -18.44
N LEU B 115 11.32 10.36 -18.87
CA LEU B 115 10.38 11.14 -19.73
C LEU B 115 10.70 10.88 -21.21
N GLN B 116 11.96 10.60 -21.55
CA GLN B 116 12.43 10.32 -22.93
C GLN B 116 13.46 9.19 -22.90
N PRO B 117 13.06 7.93 -22.64
CA PRO B 117 14.00 6.81 -22.60
C PRO B 117 14.59 6.47 -23.98
N HIS B 118 15.85 6.02 -23.98
CA HIS B 118 16.62 5.65 -25.21
C HIS B 118 16.97 4.17 -25.16
N PRO B 119 16.19 3.28 -25.82
CA PRO B 119 16.48 1.85 -25.84
C PRO B 119 17.64 1.49 -26.78
N ARG C 18 -33.46 -1.12 -12.73
CA ARG C 18 -33.47 -2.59 -13.07
C ARG C 18 -33.45 -2.76 -14.59
N LEU C 19 -34.59 -2.53 -15.25
CA LEU C 19 -34.81 -2.72 -16.71
C LEU C 19 -34.40 -4.16 -17.09
N ALA C 20 -34.93 -5.15 -16.35
CA ALA C 20 -34.66 -6.60 -16.54
C ALA C 20 -35.82 -7.23 -17.32
N GLN C 26 -26.52 -13.08 -20.05
CA GLN C 26 -25.12 -12.68 -19.79
C GLN C 26 -25.12 -11.41 -18.93
N ILE C 27 -25.62 -11.51 -17.70
CA ILE C 27 -25.73 -10.34 -16.76
C ILE C 27 -24.38 -9.62 -16.79
N GLN C 28 -24.36 -8.32 -17.05
CA GLN C 28 -23.12 -7.51 -17.01
C GLN C 28 -22.74 -7.20 -15.55
N LEU C 29 -21.51 -6.75 -15.32
CA LEU C 29 -21.00 -6.54 -13.94
C LEU C 29 -21.76 -5.39 -13.27
N TRP C 30 -21.87 -4.24 -13.95
CA TRP C 30 -22.52 -3.01 -13.42
C TRP C 30 -23.94 -3.33 -12.94
N GLN C 31 -24.62 -4.27 -13.61
CA GLN C 31 -25.98 -4.75 -13.26
C GLN C 31 -25.91 -5.60 -11.98
N PHE C 32 -24.98 -6.56 -11.95
CA PHE C 32 -24.79 -7.55 -10.85
C PHE C 32 -24.70 -6.83 -9.50
N LEU C 33 -24.00 -5.69 -9.45
CA LEU C 33 -23.78 -4.89 -8.22
C LEU C 33 -25.11 -4.25 -7.80
N LEU C 34 -25.81 -3.62 -8.75
CA LEU C 34 -27.09 -2.91 -8.52
C LEU C 34 -28.17 -3.91 -8.07
N GLU C 35 -28.09 -5.14 -8.56
CA GLU C 35 -28.97 -6.28 -8.14
C GLU C 35 -28.86 -6.48 -6.62
N LEU C 36 -27.63 -6.41 -6.09
CA LEU C 36 -27.33 -6.67 -4.66
C LEU C 36 -27.74 -5.47 -3.80
N LEU C 37 -27.46 -4.26 -4.25
CA LEU C 37 -27.69 -2.99 -3.50
C LEU C 37 -29.18 -2.82 -3.16
N SER C 38 -30.07 -3.30 -4.03
CA SER C 38 -31.55 -3.22 -3.87
C SER C 38 -31.98 -3.93 -2.58
N ASP C 39 -31.73 -5.23 -2.48
CA ASP C 39 -32.06 -6.07 -1.29
C ASP C 39 -31.06 -5.74 -0.18
N SER C 40 -31.56 -5.34 1.00
CA SER C 40 -30.76 -4.87 2.16
C SER C 40 -30.12 -6.05 2.92
N ALA C 41 -30.38 -7.28 2.48
CA ALA C 41 -29.84 -8.54 3.07
C ALA C 41 -28.40 -8.78 2.58
N ASN C 42 -27.95 -8.04 1.57
CA ASN C 42 -26.61 -8.20 0.93
C ASN C 42 -25.64 -7.12 1.44
N ALA C 43 -26.01 -6.41 2.51
CA ALA C 43 -25.20 -5.35 3.16
C ALA C 43 -23.90 -5.94 3.72
N SER C 44 -23.88 -7.26 3.96
CA SER C 44 -22.73 -8.04 4.50
C SER C 44 -21.44 -7.69 3.74
N CYS C 45 -21.51 -7.62 2.40
CA CYS C 45 -20.34 -7.47 1.49
C CYS C 45 -20.39 -6.14 0.72
N ILE C 46 -21.57 -5.57 0.49
CA ILE C 46 -21.75 -4.31 -0.31
C ILE C 46 -23.07 -3.62 0.10
N THR C 47 -23.05 -2.29 0.20
CA THR C 47 -24.21 -1.46 0.63
C THR C 47 -24.05 -0.04 0.09
N TRP C 48 -25.11 0.78 0.22
CA TRP C 48 -25.10 2.24 -0.13
C TRP C 48 -24.34 3.02 0.96
N GLU C 49 -23.74 4.15 0.58
CA GLU C 49 -23.06 5.11 1.50
C GLU C 49 -23.32 6.53 0.98
N GLY C 50 -24.59 6.98 1.07
CA GLY C 50 -25.05 8.28 0.57
C GLY C 50 -26.12 8.13 -0.50
N THR C 51 -27.06 9.06 -0.59
CA THR C 51 -28.19 9.08 -1.55
C THR C 51 -27.77 9.81 -2.83
N ASN C 52 -26.54 9.57 -3.30
CA ASN C 52 -25.96 10.18 -4.53
C ASN C 52 -25.38 9.08 -5.42
N GLY C 53 -25.88 7.85 -5.27
CA GLY C 53 -25.41 6.66 -6.01
C GLY C 53 -24.06 6.17 -5.51
N GLU C 54 -23.68 6.54 -4.29
CA GLU C 54 -22.36 6.18 -3.66
C GLU C 54 -22.52 4.86 -2.89
N PHE C 55 -21.61 3.90 -3.11
CA PHE C 55 -21.63 2.55 -2.47
C PHE C 55 -20.20 2.13 -2.10
N LYS C 56 -20.08 1.35 -1.03
CA LYS C 56 -18.79 0.79 -0.51
C LYS C 56 -18.85 -0.74 -0.59
N MET C 57 -17.72 -1.38 -0.90
CA MET C 57 -17.63 -2.85 -0.86
C MET C 57 -17.20 -3.24 0.55
N THR C 58 -18.15 -3.56 1.43
CA THR C 58 -17.84 -3.85 2.86
C THR C 58 -17.11 -5.19 2.96
N ASP C 59 -17.11 -6.01 1.91
CA ASP C 59 -16.27 -7.24 1.82
C ASP C 59 -16.10 -7.29 0.31
N PRO C 60 -14.92 -6.89 -0.23
CA PRO C 60 -14.62 -7.07 -1.65
C PRO C 60 -14.36 -8.53 -1.99
N ASP C 61 -13.67 -9.24 -1.10
CA ASP C 61 -13.32 -10.68 -1.27
C ASP C 61 -14.60 -11.50 -1.42
N GLU C 62 -15.68 -11.11 -0.71
CA GLU C 62 -17.00 -11.77 -0.75
C GLU C 62 -17.72 -11.46 -2.06
N VAL C 63 -17.70 -10.19 -2.49
CA VAL C 63 -18.33 -9.71 -3.75
C VAL C 63 -17.72 -10.47 -4.93
N ALA C 64 -16.38 -10.63 -4.90
CA ALA C 64 -15.58 -11.34 -5.93
C ALA C 64 -16.01 -12.81 -6.01
N ARG C 65 -16.21 -13.46 -4.84
CA ARG C 65 -16.57 -14.89 -4.73
C ARG C 65 -17.92 -15.14 -5.41
N ARG C 66 -18.90 -14.25 -5.16
CA ARG C 66 -20.27 -14.31 -5.76
C ARG C 66 -20.18 -14.08 -7.27
N TRP C 67 -19.30 -13.17 -7.70
CA TRP C 67 -19.08 -12.78 -9.11
C TRP C 67 -18.36 -13.90 -9.86
N GLY C 68 -17.41 -14.57 -9.21
CA GLY C 68 -16.67 -15.73 -9.74
C GLY C 68 -17.56 -16.95 -9.89
N GLU C 69 -18.62 -17.04 -9.08
CA GLU C 69 -19.63 -18.13 -9.12
C GLU C 69 -20.68 -17.81 -10.19
N ARG C 70 -21.14 -16.56 -10.25
CA ARG C 70 -22.18 -16.07 -11.20
C ARG C 70 -21.72 -16.31 -12.64
N LYS C 71 -20.61 -15.67 -13.03
CA LYS C 71 -20.02 -15.77 -14.40
C LYS C 71 -19.30 -17.13 -14.55
N SER C 72 -19.11 -17.85 -13.45
CA SER C 72 -18.44 -19.17 -13.38
C SER C 72 -16.95 -19.01 -13.65
N LYS C 73 -16.35 -17.94 -13.10
CA LYS C 73 -14.91 -17.61 -13.18
C LYS C 73 -14.30 -17.73 -11.78
N PRO C 74 -14.05 -18.96 -11.27
CA PRO C 74 -13.68 -19.16 -9.87
C PRO C 74 -12.30 -18.59 -9.47
N ASN C 75 -11.50 -18.15 -10.45
CA ASN C 75 -10.19 -17.48 -10.23
C ASN C 75 -10.39 -16.04 -9.74
N MET C 76 -11.60 -15.50 -9.89
CA MET C 76 -11.94 -14.06 -9.68
C MET C 76 -11.49 -13.60 -8.28
N ASN C 77 -10.99 -12.36 -8.20
CA ASN C 77 -10.62 -11.64 -6.95
C ASN C 77 -11.24 -10.24 -7.01
N TYR C 78 -10.74 -9.28 -6.20
CA TYR C 78 -11.11 -7.84 -6.28
C TYR C 78 -10.29 -7.16 -7.36
N ASP C 79 -8.99 -7.48 -7.43
CA ASP C 79 -8.00 -6.86 -8.37
C ASP C 79 -8.55 -6.86 -9.80
N LYS C 80 -9.08 -8.00 -10.25
CA LYS C 80 -9.62 -8.19 -11.62
C LYS C 80 -11.04 -7.59 -11.70
N LEU C 81 -11.85 -7.80 -10.64
CA LEU C 81 -13.19 -7.20 -10.50
C LEU C 81 -13.08 -5.68 -10.63
N SER C 82 -12.14 -5.08 -9.88
CA SER C 82 -11.87 -3.62 -9.86
C SER C 82 -11.49 -3.14 -11.27
N ARG C 83 -10.61 -3.87 -11.96
CA ARG C 83 -10.12 -3.52 -13.32
C ARG C 83 -11.32 -3.19 -14.22
N ALA C 84 -12.32 -4.07 -14.23
CA ALA C 84 -13.59 -3.92 -15.00
C ALA C 84 -14.26 -2.59 -14.65
N LEU C 85 -14.27 -2.26 -13.35
CA LEU C 85 -14.92 -1.02 -12.82
C LEU C 85 -14.09 0.21 -13.21
N ARG C 86 -12.79 0.03 -13.47
CA ARG C 86 -11.85 1.13 -13.83
C ARG C 86 -11.82 1.30 -15.36
N TYR C 87 -12.37 0.35 -16.11
CA TYR C 87 -12.65 0.47 -17.58
C TYR C 87 -13.97 1.21 -17.79
N TYR C 88 -14.84 1.20 -16.77
CA TYR C 88 -16.14 1.92 -16.77
C TYR C 88 -15.92 3.44 -16.70
N TYR C 89 -14.76 3.88 -16.22
CA TYR C 89 -14.36 5.31 -16.15
C TYR C 89 -14.34 5.91 -17.57
N ASP C 90 -13.73 5.18 -18.52
CA ASP C 90 -13.63 5.58 -19.95
C ASP C 90 -15.03 5.61 -20.57
N LYS C 91 -15.91 4.69 -20.16
CA LYS C 91 -17.32 4.58 -20.64
C LYS C 91 -18.20 5.62 -19.94
N ASN C 92 -17.70 6.26 -18.88
CA ASN C 92 -18.43 7.25 -18.04
C ASN C 92 -19.63 6.55 -17.38
N ILE C 93 -19.49 5.27 -17.04
CA ILE C 93 -20.52 4.44 -16.35
C ILE C 93 -20.56 4.86 -14.88
N MET C 94 -19.41 4.79 -14.20
CA MET C 94 -19.27 5.12 -12.75
C MET C 94 -17.95 5.87 -12.50
N THR C 95 -17.78 6.35 -11.26
CA THR C 95 -16.68 7.26 -10.83
C THR C 95 -15.95 6.64 -9.63
N LYS C 96 -14.68 7.05 -9.42
CA LYS C 96 -13.93 6.80 -8.17
C LYS C 96 -14.24 7.93 -7.18
N VAL C 97 -14.92 7.60 -6.08
CA VAL C 97 -15.08 8.51 -4.91
C VAL C 97 -13.70 8.65 -4.26
N HIS C 98 -12.95 9.67 -4.68
CA HIS C 98 -11.51 9.88 -4.39
C HIS C 98 -11.24 9.73 -2.89
N GLY C 99 -10.21 8.97 -2.53
CA GLY C 99 -9.73 8.80 -1.13
C GLY C 99 -10.41 7.62 -0.44
N LYS C 100 -11.73 7.67 -0.30
CA LYS C 100 -12.55 6.68 0.45
C LYS C 100 -12.26 5.26 -0.08
N ARG C 101 -12.15 4.29 0.83
CA ARG C 101 -11.64 2.92 0.55
C ARG C 101 -12.78 2.06 -0.03
N TYR C 102 -12.53 1.46 -1.20
CA TYR C 102 -13.49 0.63 -1.99
C TYR C 102 -14.68 1.48 -2.46
N ALA C 103 -14.47 2.80 -2.57
CA ALA C 103 -15.53 3.81 -2.80
C ALA C 103 -15.67 4.08 -4.30
N TYR C 104 -16.84 3.72 -4.87
CA TYR C 104 -17.23 3.98 -6.27
C TYR C 104 -18.66 4.55 -6.29
N LYS C 105 -18.97 5.34 -7.33
CA LYS C 105 -20.27 6.04 -7.51
C LYS C 105 -20.68 5.94 -8.98
N PHE C 106 -21.93 5.58 -9.26
CA PHE C 106 -22.50 5.44 -10.62
C PHE C 106 -22.76 6.82 -11.22
N ASP C 107 -22.55 6.96 -12.54
CA ASP C 107 -22.86 8.18 -13.32
C ASP C 107 -24.18 7.95 -14.07
N ALA C 108 -25.29 8.37 -13.45
CA ALA C 108 -26.68 8.24 -13.98
C ALA C 108 -26.74 8.76 -15.43
N HIS C 109 -25.98 9.83 -15.72
CA HIS C 109 -25.86 10.44 -17.07
C HIS C 109 -25.33 9.41 -18.07
N GLY C 110 -24.32 8.63 -17.68
CA GLY C 110 -23.62 7.68 -18.55
C GLY C 110 -24.12 6.26 -18.41
N ILE C 111 -25.42 6.08 -18.11
CA ILE C 111 -26.16 4.79 -18.22
C ILE C 111 -27.40 4.99 -19.09
N ALA C 112 -27.98 6.19 -19.07
CA ALA C 112 -29.05 6.65 -19.99
C ALA C 112 -28.50 6.69 -21.42
N GLN C 113 -27.21 6.98 -21.57
CA GLN C 113 -26.50 6.99 -22.88
C GLN C 113 -26.41 5.58 -23.47
N ALA C 114 -26.39 4.55 -22.61
CA ALA C 114 -26.28 3.13 -23.00
C ALA C 114 -27.67 2.58 -23.35
N LEU C 115 -28.69 2.88 -22.55
CA LEU C 115 -30.08 2.37 -22.70
C LEU C 115 -30.87 3.26 -23.66
N GLN C 116 -30.51 4.54 -23.78
CA GLN C 116 -31.13 5.50 -24.74
C GLN C 116 -30.04 6.34 -25.40
N PRO C 117 -29.20 5.74 -26.29
CA PRO C 117 -28.16 6.48 -27.00
C PRO C 117 -28.76 7.49 -27.99
N HIS C 118 -28.82 8.77 -27.58
CA HIS C 118 -29.37 9.90 -28.37
C HIS C 118 -28.31 10.40 -29.36
N PRO C 119 -28.64 10.52 -30.66
CA PRO C 119 -27.69 11.01 -31.66
C PRO C 119 -27.57 12.55 -31.65
N GLN D 26 -2.05 -8.96 9.32
CA GLN D 26 -1.12 -7.89 9.78
C GLN D 26 -1.83 -7.04 10.85
N ILE D 27 -1.54 -7.30 12.13
CA ILE D 27 -2.11 -6.58 13.30
C ILE D 27 -1.16 -5.43 13.68
N GLN D 28 -1.71 -4.23 13.87
CA GLN D 28 -0.94 -2.99 14.21
C GLN D 28 -0.42 -3.08 15.65
N LEU D 29 0.40 -2.10 16.05
CA LEU D 29 1.06 -2.04 17.39
C LEU D 29 0.03 -1.65 18.46
N TRP D 30 -0.72 -0.57 18.23
CA TRP D 30 -1.72 -0.02 19.18
C TRP D 30 -2.78 -1.10 19.52
N GLN D 31 -3.12 -1.95 18.54
CA GLN D 31 -4.06 -3.09 18.71
C GLN D 31 -3.46 -4.09 19.71
N PHE D 32 -2.15 -4.33 19.62
CA PHE D 32 -1.38 -5.28 20.46
C PHE D 32 -1.31 -4.78 21.91
N LEU D 33 -1.17 -3.46 22.10
CA LEU D 33 -1.09 -2.80 23.44
C LEU D 33 -2.42 -3.00 24.18
N LEU D 34 -3.52 -2.63 23.55
CA LEU D 34 -4.89 -2.65 24.16
C LEU D 34 -5.41 -4.08 24.27
N GLU D 35 -4.71 -5.06 23.68
CA GLU D 35 -4.99 -6.52 23.84
C GLU D 35 -4.72 -6.94 25.28
N LEU D 36 -3.63 -6.44 25.88
CA LEU D 36 -3.07 -6.90 27.18
C LEU D 36 -3.33 -5.85 28.28
N LEU D 37 -4.08 -4.78 27.96
CA LEU D 37 -4.53 -3.75 28.94
C LEU D 37 -5.94 -4.10 29.43
N SER D 38 -6.79 -4.61 28.53
CA SER D 38 -8.15 -5.12 28.82
C SER D 38 -8.06 -6.34 29.74
N ASP D 39 -7.15 -7.27 29.42
CA ASP D 39 -6.82 -8.47 30.25
C ASP D 39 -5.72 -8.09 31.24
N SER D 40 -6.07 -7.88 32.51
CA SER D 40 -5.15 -7.48 33.61
C SER D 40 -4.50 -8.72 34.23
N ALA D 41 -4.64 -9.90 33.59
CA ALA D 41 -3.87 -11.13 33.88
C ALA D 41 -2.45 -10.99 33.30
N ASN D 42 -2.27 -10.05 32.37
CA ASN D 42 -0.95 -9.66 31.78
C ASN D 42 -0.45 -8.38 32.46
N ALA D 43 -0.72 -8.23 33.77
CA ALA D 43 -0.35 -7.04 34.59
C ALA D 43 1.13 -7.10 34.96
N SER D 44 1.79 -8.25 34.74
CA SER D 44 3.26 -8.45 34.90
C SER D 44 4.04 -7.64 33.86
N CYS D 45 3.38 -7.23 32.77
CA CYS D 45 3.97 -6.51 31.61
C CYS D 45 3.46 -5.07 31.53
N ILE D 46 2.14 -4.87 31.56
CA ILE D 46 1.47 -3.55 31.33
C ILE D 46 0.19 -3.47 32.17
N THR D 47 -0.16 -2.27 32.64
CA THR D 47 -1.36 -2.00 33.50
C THR D 47 -1.85 -0.56 33.28
N TRP D 48 -2.94 -0.18 33.96
CA TRP D 48 -3.53 1.18 33.94
C TRP D 48 -2.88 2.06 35.02
N GLU D 49 -3.03 3.38 34.88
CA GLU D 49 -2.77 4.40 35.94
C GLU D 49 -3.92 5.41 35.91
N GLY D 50 -5.16 4.89 35.99
CA GLY D 50 -6.40 5.65 35.76
C GLY D 50 -7.05 5.25 34.43
N THR D 51 -8.34 5.57 34.27
CA THR D 51 -9.13 5.30 33.03
C THR D 51 -9.26 6.59 32.21
N ASN D 52 -8.21 7.42 32.20
CA ASN D 52 -8.11 8.68 31.40
C ASN D 52 -7.28 8.41 30.14
N GLY D 53 -7.25 7.15 29.68
CA GLY D 53 -6.38 6.68 28.59
C GLY D 53 -4.92 6.60 29.02
N GLU D 54 -4.64 6.71 30.33
CA GLU D 54 -3.28 6.81 30.91
C GLU D 54 -2.86 5.44 31.46
N PHE D 55 -2.13 4.67 30.64
CA PHE D 55 -1.56 3.34 31.00
C PHE D 55 -0.08 3.51 31.38
N LYS D 56 0.59 2.41 31.73
CA LYS D 56 2.00 2.39 32.19
C LYS D 56 2.71 1.12 31.69
N MET D 57 3.88 1.28 31.08
CA MET D 57 4.73 0.16 30.58
C MET D 57 5.56 -0.38 31.77
N THR D 58 5.03 -1.39 32.47
CA THR D 58 5.53 -1.86 33.79
C THR D 58 6.53 -3.01 33.63
N ASP D 59 6.98 -3.30 32.40
CA ASP D 59 8.07 -4.27 32.12
C ASP D 59 8.56 -4.08 30.69
N PRO D 60 9.29 -2.97 30.39
CA PRO D 60 9.72 -2.65 29.03
C PRO D 60 10.45 -3.78 28.28
N ASP D 61 11.36 -4.49 28.96
CA ASP D 61 12.17 -5.60 28.39
C ASP D 61 11.24 -6.75 27.98
N GLU D 62 10.33 -7.14 28.88
CA GLU D 62 9.29 -8.17 28.64
C GLU D 62 8.33 -7.69 27.54
N VAL D 63 7.90 -6.42 27.63
CA VAL D 63 6.99 -5.76 26.65
C VAL D 63 7.59 -5.88 25.24
N ALA D 64 8.90 -5.68 25.12
CA ALA D 64 9.66 -5.71 23.83
C ALA D 64 9.69 -7.14 23.27
N ARG D 65 9.94 -8.14 24.12
CA ARG D 65 10.08 -9.57 23.75
C ARG D 65 8.83 -10.05 23.00
N ARG D 66 7.64 -9.79 23.56
CA ARG D 66 6.33 -10.32 23.09
C ARG D 66 6.04 -9.84 21.66
N TRP D 67 6.25 -8.55 21.38
CA TRP D 67 6.02 -7.92 20.05
C TRP D 67 6.92 -8.60 19.01
N GLY D 68 8.22 -8.69 19.30
CA GLY D 68 9.22 -9.37 18.45
C GLY D 68 8.85 -10.83 18.20
N GLU D 69 8.49 -11.56 19.27
CA GLU D 69 8.10 -13.00 19.23
C GLU D 69 6.85 -13.17 18.36
N ARG D 70 5.85 -12.29 18.54
CA ARG D 70 4.56 -12.31 17.80
C ARG D 70 4.78 -11.97 16.32
N LYS D 71 5.73 -11.06 16.03
CA LYS D 71 5.95 -10.47 14.68
C LYS D 71 7.00 -11.28 13.90
N SER D 72 7.57 -12.32 14.50
CA SER D 72 8.71 -13.12 13.95
C SER D 72 9.93 -12.21 13.79
N LYS D 73 10.14 -11.31 14.77
CA LYS D 73 11.20 -10.26 14.78
C LYS D 73 11.81 -10.21 16.17
N PRO D 74 12.38 -11.32 16.68
CA PRO D 74 12.76 -11.43 18.09
C PRO D 74 13.93 -10.52 18.54
N ASN D 75 14.43 -9.66 17.65
CA ASN D 75 15.54 -8.70 17.93
C ASN D 75 14.95 -7.37 18.43
N MET D 76 13.62 -7.25 18.47
CA MET D 76 12.88 -6.02 18.87
C MET D 76 13.23 -5.66 20.32
N ASN D 77 13.59 -4.39 20.56
CA ASN D 77 13.88 -3.81 21.90
C ASN D 77 13.03 -2.54 22.06
N TYR D 78 12.92 -2.02 23.30
CA TYR D 78 12.13 -0.81 23.63
C TYR D 78 12.58 0.37 22.75
N ASP D 79 13.90 0.49 22.55
CA ASP D 79 14.54 1.52 21.68
C ASP D 79 13.80 1.61 20.34
N LYS D 80 13.70 0.48 19.63
CA LYS D 80 13.05 0.38 18.30
C LYS D 80 11.53 0.45 18.45
N LEU D 81 10.98 -0.11 19.51
CA LEU D 81 9.52 -0.18 19.78
C LEU D 81 9.01 1.24 20.12
N SER D 82 9.78 2.00 20.90
CA SER D 82 9.46 3.39 21.32
C SER D 82 9.38 4.30 20.09
N ARG D 83 10.30 4.13 19.13
CA ARG D 83 10.31 4.86 17.83
C ARG D 83 8.96 4.66 17.14
N ALA D 84 8.46 3.42 17.13
CA ALA D 84 7.14 3.04 16.56
C ALA D 84 6.04 3.84 17.25
N LEU D 85 6.12 3.95 18.59
CA LEU D 85 5.14 4.69 19.44
C LEU D 85 5.40 6.20 19.35
N ARG D 86 6.58 6.61 18.90
CA ARG D 86 6.96 8.04 18.72
C ARG D 86 6.58 8.50 17.30
N TYR D 87 6.06 7.60 16.47
CA TYR D 87 5.42 7.91 15.16
C TYR D 87 3.90 8.10 15.36
N TYR D 88 3.43 7.92 16.60
CA TYR D 88 2.00 8.07 17.01
C TYR D 88 1.73 9.48 17.54
N TYR D 89 2.67 10.41 17.37
CA TYR D 89 2.56 11.82 17.81
C TYR D 89 1.89 12.64 16.69
N ASP D 90 2.45 12.55 15.48
CA ASP D 90 1.90 13.18 14.25
C ASP D 90 0.47 12.66 14.03
N LYS D 91 0.29 11.35 14.13
CA LYS D 91 -1.03 10.66 14.06
C LYS D 91 -1.66 10.71 15.46
N ASN D 92 -2.77 11.43 15.61
CA ASN D 92 -3.45 11.64 16.93
C ASN D 92 -4.11 10.33 17.37
N ILE D 93 -3.29 9.35 17.77
CA ILE D 93 -3.71 8.01 18.28
C ILE D 93 -3.39 7.94 19.78
N MET D 94 -2.19 8.37 20.17
CA MET D 94 -1.74 8.49 21.59
C MET D 94 -0.67 9.59 21.70
N THR D 95 -0.20 9.83 22.92
CA THR D 95 0.89 10.80 23.23
C THR D 95 1.65 10.34 24.49
N LYS D 96 2.59 11.16 24.96
CA LYS D 96 3.40 10.91 26.18
C LYS D 96 2.82 11.70 27.36
N VAL D 97 3.04 11.25 28.59
CA VAL D 97 2.80 12.04 29.83
C VAL D 97 4.09 12.80 30.15
N HIS D 98 4.18 14.04 29.66
CA HIS D 98 5.38 14.94 29.68
C HIS D 98 6.16 14.74 30.99
N GLY D 99 7.35 14.14 30.90
CA GLY D 99 8.30 13.98 32.02
C GLY D 99 8.19 12.61 32.67
N LYS D 100 6.97 12.19 33.03
CA LYS D 100 6.67 10.90 33.70
C LYS D 100 7.20 9.74 32.83
N ARG D 101 7.74 8.70 33.47
CA ARG D 101 8.53 7.62 32.82
C ARG D 101 7.60 6.45 32.45
N TYR D 102 7.64 6.03 31.17
CA TYR D 102 6.91 4.88 30.59
C TYR D 102 5.39 5.14 30.58
N ALA D 103 4.97 6.40 30.66
CA ALA D 103 3.56 6.83 30.78
C ALA D 103 3.10 7.51 29.48
N TYR D 104 2.33 6.78 28.67
CA TYR D 104 1.74 7.26 27.39
C TYR D 104 0.21 7.32 27.52
N LYS D 105 -0.41 8.38 26.99
CA LYS D 105 -1.88 8.61 27.02
C LYS D 105 -2.49 8.19 25.68
N PHE D 106 -3.38 7.19 25.68
CA PHE D 106 -4.20 6.77 24.51
C PHE D 106 -5.27 7.82 24.24
N ASP D 107 -5.40 8.24 22.97
CA ASP D 107 -6.45 9.17 22.49
C ASP D 107 -7.72 8.35 22.24
N ALA D 108 -8.63 8.32 23.23
CA ALA D 108 -9.91 7.56 23.19
C ALA D 108 -10.87 8.21 22.18
N HIS D 109 -10.65 9.49 21.84
CA HIS D 109 -11.33 10.22 20.74
C HIS D 109 -10.54 10.04 19.43
N GLY D 110 -9.38 9.38 19.52
CA GLY D 110 -8.52 9.03 18.37
C GLY D 110 -8.77 7.61 17.89
N ILE D 111 -9.20 6.71 18.79
CA ILE D 111 -9.59 5.31 18.45
C ILE D 111 -11.01 5.32 17.87
N ALA D 112 -11.86 6.24 18.34
CA ALA D 112 -13.25 6.46 17.86
C ALA D 112 -13.24 6.91 16.40
N GLN D 113 -12.18 7.63 15.98
CA GLN D 113 -11.95 8.08 14.58
C GLN D 113 -11.69 6.87 13.69
N ALA D 114 -11.01 5.84 14.22
CA ALA D 114 -10.65 4.59 13.51
C ALA D 114 -11.58 3.43 13.91
N LEU D 115 -12.85 3.74 14.21
CA LEU D 115 -13.91 2.76 14.57
C LEU D 115 -15.18 3.07 13.75
#